data_3LQ7
#
_entry.id   3LQ7
#
_cell.length_a   54.920
_cell.length_b   111.245
_cell.length_c   246.006
_cell.angle_alpha   90.00
_cell.angle_beta   90.00
_cell.angle_gamma   90.00
#
_symmetry.space_group_name_H-M   'C 2 2 21'
#
loop_
_entity.id
_entity.type
_entity.pdbx_description
1 polymer 'Glutathione S-transferase'
2 water water
#
_entity_poly.entity_id   1
_entity_poly.type   'polypeptide(L)'
_entity_poly.pdbx_seq_one_letter_code
;MSLSNIETVPASIEMKPNPTITVFERSPDGGRGLARDMPVRWALEEVGQPYHVRRLSFEAMKEASHLAYQPFGQIPSYEQ
GDLILFESGAIVMHIAQHHSGLLPEDQLRRARTVAWMFAALNTIEPSILNFTTVWLFERNEPWHEARLARTKEQLLKRLD
ELSAWLGDREWLEGSFSAADILMICVLRRLESSGILKDYGNLLAYVERGKARPAFKRAFDAQLAVFTAASKNEGHHHHHH
;
_entity_poly.pdbx_strand_id   A,B,C
#
# COMPACT_ATOMS: atom_id res chain seq x y z
N PRO A 17 -18.71 12.15 -14.01
CA PRO A 17 -19.39 11.26 -14.93
C PRO A 17 -19.76 9.92 -14.28
N ASN A 18 -19.57 8.82 -15.01
CA ASN A 18 -19.96 7.50 -14.53
C ASN A 18 -18.78 6.62 -14.11
N PRO A 19 -18.92 5.92 -12.96
CA PRO A 19 -17.88 5.05 -12.42
C PRO A 19 -17.59 3.88 -13.36
N THR A 20 -16.33 3.46 -13.41
CA THR A 20 -15.91 2.28 -14.15
C THR A 20 -15.21 1.32 -13.20
N ILE A 21 -15.78 0.13 -13.03
CA ILE A 21 -15.15 -0.89 -12.20
C ILE A 21 -14.57 -1.99 -13.06
N THR A 22 -13.57 -2.67 -12.50
CA THR A 22 -12.90 -3.76 -13.21
C THR A 22 -13.12 -5.09 -12.52
N VAL A 23 -13.62 -6.04 -13.29
CA VAL A 23 -13.81 -7.41 -12.82
C VAL A 23 -12.92 -8.32 -13.66
N PHE A 24 -12.72 -9.55 -13.17
CA PHE A 24 -12.01 -10.56 -13.96
C PHE A 24 -12.96 -11.16 -15.02
N GLU A 25 -12.43 -11.41 -16.21
CA GLU A 25 -13.22 -12.02 -17.30
C GLU A 25 -13.56 -13.48 -17.05
N ARG A 26 -12.75 -14.15 -16.24
CA ARG A 26 -13.01 -15.52 -15.79
C ARG A 26 -12.87 -15.61 -14.27
N SER A 27 -14.01 -15.76 -13.60
CA SER A 27 -14.08 -15.77 -12.13
C SER A 27 -13.68 -17.13 -11.56
N PRO A 28 -12.87 -17.14 -10.49
CA PRO A 28 -12.47 -18.39 -9.82
C PRO A 28 -13.63 -19.05 -9.08
N ASP A 29 -14.63 -18.26 -8.71
CA ASP A 29 -15.86 -18.76 -8.09
C ASP A 29 -16.74 -19.49 -9.10
N GLY A 30 -16.56 -19.13 -10.38
CA GLY A 30 -17.29 -19.76 -11.47
C GLY A 30 -18.73 -19.31 -11.52
N GLY A 31 -18.93 -18.00 -11.53
CA GLY A 31 -20.27 -17.42 -11.61
C GLY A 31 -21.10 -17.51 -10.34
N ARG A 32 -20.45 -17.56 -9.19
CA ARG A 32 -21.16 -17.66 -7.90
C ARG A 32 -21.23 -16.34 -7.13
N GLY A 33 -20.58 -15.30 -7.66
CA GLY A 33 -20.60 -13.97 -7.07
C GLY A 33 -19.89 -13.90 -5.73
N LEU A 34 -18.68 -14.45 -5.69
CA LEU A 34 -17.95 -14.58 -4.44
C LEU A 34 -16.68 -13.75 -4.42
N ALA A 35 -16.29 -13.25 -5.59
CA ALA A 35 -15.11 -12.38 -5.71
C ALA A 35 -15.40 -11.02 -5.07
N ARG A 36 -14.33 -10.24 -4.89
CA ARG A 36 -14.43 -8.98 -4.15
CA ARG A 36 -14.41 -8.98 -4.15
C ARG A 36 -15.09 -7.84 -4.93
N ASP A 37 -15.56 -8.15 -6.15
CA ASP A 37 -16.31 -7.19 -6.94
C ASP A 37 -17.80 -7.26 -6.61
N MET A 38 -18.24 -8.34 -5.97
CA MET A 38 -19.64 -8.46 -5.57
C MET A 38 -20.13 -7.35 -4.61
N PRO A 39 -19.36 -7.00 -3.54
CA PRO A 39 -19.83 -5.91 -2.67
C PRO A 39 -19.93 -4.56 -3.40
N VAL A 40 -19.00 -4.32 -4.31
CA VAL A 40 -18.96 -3.09 -5.11
C VAL A 40 -20.19 -2.97 -6.00
N ARG A 41 -20.40 -4.00 -6.82
CA ARG A 41 -21.57 -4.14 -7.69
C ARG A 41 -22.88 -3.97 -6.93
N TRP A 42 -23.00 -4.71 -5.82
CA TRP A 42 -24.20 -4.61 -4.97
C TRP A 42 -24.43 -3.16 -4.50
N ALA A 43 -23.37 -2.49 -4.04
CA ALA A 43 -23.49 -1.12 -3.52
C ALA A 43 -23.93 -0.13 -4.60
N LEU A 44 -23.32 -0.25 -5.79
CA LEU A 44 -23.70 0.55 -6.95
C LEU A 44 -25.16 0.33 -7.37
N GLU A 45 -25.61 -0.92 -7.32
CA GLU A 45 -27.01 -1.26 -7.62
C GLU A 45 -27.97 -0.78 -6.53
N GLU A 46 -27.49 -0.74 -5.29
CA GLU A 46 -28.33 -0.38 -4.15
C GLU A 46 -28.59 1.11 -4.14
N VAL A 47 -27.68 1.82 -4.80
CA VAL A 47 -27.63 3.26 -4.84
C VAL A 47 -28.20 3.76 -6.19
N GLY A 48 -28.26 2.86 -7.16
CA GLY A 48 -28.89 3.14 -8.44
C GLY A 48 -27.97 3.89 -9.40
N GLN A 49 -26.67 3.78 -9.17
CA GLN A 49 -25.67 4.42 -10.02
C GLN A 49 -25.32 3.51 -11.20
N PRO A 50 -25.58 3.98 -12.43
CA PRO A 50 -25.13 3.26 -13.62
C PRO A 50 -23.61 3.27 -13.71
N TYR A 51 -23.03 2.13 -14.07
CA TYR A 51 -21.59 1.95 -14.04
C TYR A 51 -21.07 1.13 -15.21
N HIS A 52 -19.85 1.46 -15.65
CA HIS A 52 -19.21 0.74 -16.74
C HIS A 52 -18.33 -0.37 -16.19
N VAL A 53 -18.18 -1.44 -16.95
CA VAL A 53 -17.45 -2.63 -16.50
C VAL A 53 -16.36 -2.97 -17.51
N ARG A 54 -15.14 -3.19 -17.02
CA ARG A 54 -14.05 -3.71 -17.85
C ARG A 54 -13.57 -5.08 -17.39
N ARG A 55 -13.41 -6.00 -18.32
CA ARG A 55 -12.92 -7.34 -18.03
C ARG A 55 -11.38 -7.41 -18.17
N LEU A 56 -10.73 -8.02 -17.17
CA LEU A 56 -9.26 -8.06 -17.11
C LEU A 56 -8.64 -9.46 -17.18
N SER A 57 -7.35 -9.52 -17.52
CA SER A 57 -6.55 -10.75 -17.49
C SER A 57 -5.10 -10.52 -17.08
N PHE A 58 -4.55 -11.50 -16.36
CA PHE A 58 -3.15 -11.46 -15.94
C PHE A 58 -2.42 -12.75 -16.32
N GLN A 70 -3.33 0.29 -8.63
CA GLN A 70 -3.58 -0.73 -7.61
C GLN A 70 -2.27 -1.33 -7.15
N PRO A 71 -1.86 -1.01 -5.91
CA PRO A 71 -0.60 -1.48 -5.31
C PRO A 71 -0.54 -2.98 -5.06
N PHE A 72 -1.68 -3.65 -5.07
CA PHE A 72 -1.75 -5.08 -4.77
C PHE A 72 -2.27 -5.92 -5.93
N GLY A 73 -2.51 -5.25 -7.06
CA GLY A 73 -2.79 -5.89 -8.34
C GLY A 73 -4.05 -6.72 -8.41
N GLN A 74 -4.96 -6.49 -7.47
CA GLN A 74 -6.18 -7.27 -7.36
C GLN A 74 -7.30 -6.63 -8.15
N ILE A 75 -8.49 -7.20 -7.99
CA ILE A 75 -9.74 -6.56 -8.37
C ILE A 75 -10.54 -6.40 -7.06
N PRO A 76 -11.48 -5.42 -7.01
CA PRO A 76 -11.81 -4.48 -8.08
C PRO A 76 -11.09 -3.16 -7.98
N SER A 77 -10.88 -2.52 -9.13
CA SER A 77 -10.50 -1.13 -9.15
C SER A 77 -11.76 -0.32 -9.38
N TYR A 78 -11.76 0.90 -8.90
CA TYR A 78 -12.88 1.80 -9.08
C TYR A 78 -12.34 3.11 -9.66
N GLU A 79 -12.87 3.53 -10.80
CA GLU A 79 -12.40 4.73 -11.48
C GLU A 79 -13.53 5.72 -11.74
N GLN A 80 -13.33 6.97 -11.32
CA GLN A 80 -14.27 8.05 -11.60
C GLN A 80 -13.52 9.36 -11.86
N GLY A 81 -13.20 9.60 -13.13
CA GLY A 81 -12.38 10.75 -13.52
C GLY A 81 -10.92 10.48 -13.24
N ASP A 82 -10.33 11.29 -12.38
CA ASP A 82 -8.92 11.14 -12.00
C ASP A 82 -8.77 10.28 -10.76
N LEU A 83 -9.87 10.08 -10.04
CA LEU A 83 -9.89 9.24 -8.86
C LEU A 83 -9.81 7.76 -9.22
N ILE A 84 -8.81 7.09 -8.65
CA ILE A 84 -8.69 5.65 -8.75
C ILE A 84 -8.71 5.07 -7.33
N LEU A 85 -9.68 4.19 -7.06
CA LEU A 85 -9.75 3.50 -5.77
C LEU A 85 -9.47 2.00 -5.82
N PHE A 86 -9.01 1.50 -4.68
CA PHE A 86 -8.78 0.07 -4.48
C PHE A 86 -9.27 -0.27 -3.09
N GLU A 87 -9.25 -1.56 -2.74
CA GLU A 87 -9.86 -2.11 -1.52
C GLU A 87 -11.38 -2.00 -1.53
N SER A 88 -12.04 -3.16 -1.49
CA SER A 88 -13.51 -3.26 -1.50
C SER A 88 -14.17 -2.43 -0.41
N GLY A 89 -13.55 -2.42 0.77
CA GLY A 89 -14.02 -1.62 1.90
C GLY A 89 -14.11 -0.15 1.56
N ALA A 90 -13.04 0.40 1.00
CA ALA A 90 -12.93 1.81 0.68
C ALA A 90 -13.77 2.23 -0.52
N ILE A 91 -13.92 1.32 -1.48
CA ILE A 91 -14.77 1.56 -2.65
C ILE A 91 -16.22 1.66 -2.19
N VAL A 92 -16.67 0.67 -1.42
CA VAL A 92 -18.02 0.67 -0.87
C VAL A 92 -18.24 1.90 0.01
N MET A 93 -17.21 2.32 0.75
CA MET A 93 -17.24 3.56 1.54
C MET A 93 -17.46 4.81 0.70
N HIS A 94 -16.65 4.98 -0.34
CA HIS A 94 -16.77 6.12 -1.24
C HIS A 94 -18.14 6.19 -1.92
N ILE A 95 -18.68 5.04 -2.33
CA ILE A 95 -20.02 4.95 -2.91
C ILE A 95 -21.09 5.33 -1.87
N ALA A 96 -20.90 4.85 -0.64
CA ALA A 96 -21.86 5.04 0.44
C ALA A 96 -21.98 6.48 0.94
N GLN A 97 -20.93 7.28 0.78
CA GLN A 97 -20.93 8.64 1.34
C GLN A 97 -21.19 9.72 0.29
N HIS A 98 -21.08 9.34 -0.98
CA HIS A 98 -21.44 10.21 -2.09
C HIS A 98 -22.84 9.96 -2.62
N HIS A 99 -23.57 9.03 -1.99
CA HIS A 99 -24.97 8.78 -2.32
C HIS A 99 -25.80 8.44 -1.09
N SER A 100 -27.12 8.54 -1.23
CA SER A 100 -28.07 8.20 -0.18
C SER A 100 -28.36 6.70 -0.15
N GLY A 101 -28.74 6.22 1.04
CA GLY A 101 -29.25 4.86 1.16
C GLY A 101 -28.39 3.84 1.90
N LEU A 102 -27.07 4.08 1.95
CA LEU A 102 -26.14 3.09 2.52
C LEU A 102 -25.50 3.50 3.84
N LEU A 103 -25.57 4.78 4.17
CA LEU A 103 -25.12 5.28 5.47
C LEU A 103 -26.17 6.17 6.14
N PRO A 104 -26.32 6.04 7.47
CA PRO A 104 -27.21 6.93 8.24
C PRO A 104 -26.75 8.40 8.24
N GLU A 105 -27.71 9.32 8.32
CA GLU A 105 -27.44 10.76 8.47
C GLU A 105 -26.78 11.14 9.81
N ASP A 106 -27.33 10.60 10.90
CA ASP A 106 -26.81 10.87 12.24
C ASP A 106 -25.40 10.30 12.38
N GLN A 107 -24.50 11.14 12.90
CA GLN A 107 -23.07 10.82 12.99
C GLN A 107 -22.75 9.78 14.07
N LEU A 108 -23.60 9.67 15.09
CA LEU A 108 -23.50 8.62 16.10
C LEU A 108 -23.80 7.27 15.46
N ARG A 109 -24.82 7.25 14.61
CA ARG A 109 -25.24 6.07 13.86
C ARG A 109 -24.23 5.73 12.74
N ARG A 110 -23.69 6.77 12.10
CA ARG A 110 -22.78 6.61 10.96
C ARG A 110 -21.42 6.04 11.40
N ALA A 111 -20.93 6.47 12.56
CA ALA A 111 -19.66 6.00 13.11
C ALA A 111 -19.72 4.52 13.48
N ARG A 112 -20.87 4.08 13.98
CA ARG A 112 -21.10 2.69 14.33
C ARG A 112 -21.21 1.78 13.10
N THR A 113 -21.74 2.33 12.01
CA THR A 113 -21.81 1.65 10.73
C THR A 113 -20.39 1.34 10.21
N VAL A 114 -19.54 2.37 10.22
CA VAL A 114 -18.12 2.26 9.85
C VAL A 114 -17.40 1.17 10.68
N ALA A 115 -17.77 1.09 11.96
CA ALA A 115 -17.25 0.04 12.86
C ALA A 115 -17.58 -1.36 12.37
N TRP A 116 -18.82 -1.54 11.92
CA TRP A 116 -19.25 -2.82 11.35
C TRP A 116 -18.60 -3.13 10.00
N MET A 117 -18.31 -2.09 9.22
CA MET A 117 -17.63 -2.23 7.94
C MET A 117 -16.21 -2.76 8.17
N PHE A 118 -15.49 -2.14 9.11
CA PHE A 118 -14.18 -2.62 9.52
C PHE A 118 -14.22 -4.03 10.16
N ALA A 119 -15.22 -4.29 11.01
CA ALA A 119 -15.41 -5.58 11.67
C ALA A 119 -15.62 -6.73 10.69
N ALA A 120 -16.43 -6.48 9.66
CA ALA A 120 -16.66 -7.43 8.57
C ALA A 120 -15.37 -7.94 7.94
N LEU A 121 -14.48 -7.00 7.62
CA LEU A 121 -13.31 -7.26 6.79
C LEU A 121 -12.03 -7.60 7.57
N ASN A 122 -11.85 -7.04 8.77
CA ASN A 122 -10.64 -7.34 9.53
C ASN A 122 -10.82 -8.28 10.73
N THR A 123 -12.08 -8.59 11.08
CA THR A 123 -12.37 -9.47 12.20
C THR A 123 -13.09 -10.77 11.76
N ILE A 124 -14.14 -10.65 10.97
CA ILE A 124 -14.90 -11.84 10.56
C ILE A 124 -14.25 -12.54 9.38
N GLU A 125 -13.90 -11.77 8.35
CA GLU A 125 -13.32 -12.35 7.14
C GLU A 125 -12.02 -13.17 7.29
N PRO A 126 -11.01 -12.71 8.07
CA PRO A 126 -9.82 -13.55 8.22
C PRO A 126 -10.07 -14.90 8.88
N SER A 127 -11.00 -14.95 9.84
CA SER A 127 -11.40 -16.19 10.51
C SER A 127 -11.99 -17.17 9.53
N ILE A 128 -12.83 -16.65 8.62
CA ILE A 128 -13.43 -17.42 7.53
C ILE A 128 -12.37 -17.91 6.56
N LEU A 129 -11.53 -16.99 6.10
CA LEU A 129 -10.52 -17.30 5.09
C LEU A 129 -9.53 -18.37 5.53
N ASN A 130 -9.12 -18.35 6.80
CA ASN A 130 -8.19 -19.34 7.34
CA ASN A 130 -8.16 -19.37 7.23
C ASN A 130 -8.79 -20.76 7.33
N PHE A 131 -10.08 -20.83 7.67
CA PHE A 131 -10.81 -22.09 7.72
C PHE A 131 -11.07 -22.64 6.33
N THR A 132 -11.59 -21.78 5.45
CA THR A 132 -12.01 -22.19 4.12
C THR A 132 -10.85 -22.60 3.24
N THR A 133 -9.67 -21.99 3.44
CA THR A 133 -8.47 -22.37 2.65
C THR A 133 -8.01 -23.78 2.98
N VAL A 134 -8.13 -24.15 4.26
CA VAL A 134 -7.81 -25.50 4.72
C VAL A 134 -8.88 -26.47 4.23
N TRP A 135 -10.14 -26.08 4.40
CA TRP A 135 -11.29 -26.90 4.04
C TRP A 135 -11.43 -27.17 2.53
N LEU A 136 -11.13 -26.17 1.71
CA LEU A 136 -11.31 -26.30 0.26
C LEU A 136 -10.06 -26.75 -0.51
N PHE A 137 -8.89 -26.38 -0.02
CA PHE A 137 -7.66 -26.52 -0.81
C PHE A 137 -6.53 -27.32 -0.17
N GLU A 138 -6.61 -27.54 1.14
CA GLU A 138 -5.48 -28.15 1.85
C GLU A 138 -5.72 -29.60 2.30
N ARG A 139 -6.37 -30.37 1.44
CA ARG A 139 -6.60 -31.80 1.66
C ARG A 139 -5.34 -32.61 1.34
N ASN A 140 -4.38 -31.96 0.67
CA ASN A 140 -3.08 -32.54 0.32
C ASN A 140 -2.08 -32.53 1.49
N GLU A 141 -2.28 -31.61 2.43
CA GLU A 141 -1.35 -31.39 3.55
C GLU A 141 -1.38 -32.52 4.58
N PRO A 142 -0.23 -32.83 5.21
CA PRO A 142 -0.09 -33.98 6.13
C PRO A 142 -0.90 -33.91 7.42
N TRP A 143 -0.91 -32.76 8.09
CA TRP A 143 -1.65 -32.58 9.34
C TRP A 143 -2.94 -31.79 9.11
N HIS A 144 -3.54 -32.02 7.95
CA HIS A 144 -4.78 -31.39 7.48
C HIS A 144 -5.91 -31.42 8.51
N GLU A 145 -6.11 -32.60 9.10
CA GLU A 145 -7.15 -32.84 10.11
C GLU A 145 -7.05 -31.93 11.34
N ALA A 146 -5.84 -31.79 11.88
CA ALA A 146 -5.60 -31.05 13.12
C ALA A 146 -5.65 -29.53 12.93
N ARG A 147 -5.19 -29.07 11.77
CA ARG A 147 -5.20 -27.64 11.45
C ARG A 147 -6.61 -27.14 11.13
N LEU A 148 -7.40 -28.02 10.50
CA LEU A 148 -8.80 -27.74 10.19
C LEU A 148 -9.62 -27.53 11.46
N ALA A 149 -9.36 -28.35 12.47
CA ALA A 149 -10.04 -28.29 13.76
C ALA A 149 -9.71 -27.00 14.52
N ARG A 150 -8.50 -26.50 14.34
CA ARG A 150 -8.04 -25.30 15.03
C ARG A 150 -8.68 -24.04 14.43
N THR A 151 -8.73 -24.00 13.10
CA THR A 151 -9.33 -22.85 12.42
C THR A 151 -10.85 -22.82 12.55
N LYS A 152 -11.48 -23.99 12.59
CA LYS A 152 -12.93 -24.10 12.82
C LYS A 152 -13.31 -23.61 14.22
N GLU A 153 -12.45 -23.91 15.18
CA GLU A 153 -12.62 -23.51 16.58
C GLU A 153 -12.68 -21.99 16.71
N GLN A 154 -11.71 -21.31 16.08
CA GLN A 154 -11.62 -19.85 16.08
C GLN A 154 -12.78 -19.20 15.32
N LEU A 155 -13.16 -19.82 14.20
CA LEU A 155 -14.29 -19.36 13.40
C LEU A 155 -15.59 -19.43 14.19
N LEU A 156 -15.81 -20.57 14.83
CA LEU A 156 -17.05 -20.81 15.59
C LEU A 156 -17.28 -19.81 16.73
N LYS A 157 -16.21 -19.39 17.40
CA LYS A 157 -16.31 -18.34 18.41
C LYS A 157 -16.71 -16.98 17.82
N ARG A 158 -16.12 -16.63 16.68
CA ARG A 158 -16.44 -15.38 15.96
C ARG A 158 -17.90 -15.35 15.51
N LEU A 159 -18.38 -16.46 14.99
CA LEU A 159 -19.77 -16.60 14.57
C LEU A 159 -20.73 -16.61 15.75
N ASP A 160 -20.34 -17.26 16.85
CA ASP A 160 -21.10 -17.23 18.11
C ASP A 160 -21.30 -15.80 18.57
N GLU A 161 -20.21 -15.04 18.58
CA GLU A 161 -20.21 -13.62 18.94
C GLU A 161 -21.06 -12.79 17.98
N LEU A 162 -20.94 -13.08 16.68
CA LEU A 162 -21.71 -12.37 15.65
C LEU A 162 -23.20 -12.64 15.78
N SER A 163 -23.54 -13.90 16.00
CA SER A 163 -24.94 -14.33 16.13
C SER A 163 -25.56 -13.86 17.44
N ALA A 164 -24.76 -13.78 18.49
CA ALA A 164 -25.22 -13.30 19.79
C ALA A 164 -25.55 -11.82 19.72
N TRP A 165 -24.76 -11.07 18.95
CA TRP A 165 -25.02 -9.64 18.74
C TRP A 165 -26.30 -9.40 17.92
N LEU A 166 -26.41 -10.10 16.80
CA LEU A 166 -27.53 -9.90 15.88
C LEU A 166 -28.85 -10.30 16.52
N GLY A 167 -28.84 -11.45 17.19
CA GLY A 167 -30.02 -11.98 17.87
C GLY A 167 -31.22 -12.03 16.93
N ASP A 168 -32.16 -11.12 17.16
CA ASP A 168 -33.41 -11.07 16.41
C ASP A 168 -33.53 -9.88 15.45
N ARG A 169 -32.45 -9.10 15.32
CA ARG A 169 -32.45 -7.92 14.43
C ARG A 169 -32.61 -8.32 12.96
N GLU A 170 -33.10 -7.38 12.16
CA GLU A 170 -33.18 -7.55 10.71
C GLU A 170 -31.82 -7.32 10.05
N TRP A 171 -31.12 -6.26 10.47
CA TRP A 171 -29.79 -5.94 9.96
C TRP A 171 -28.85 -5.71 11.15
N LEU A 172 -27.59 -5.36 10.86
CA LEU A 172 -26.59 -5.17 11.92
C LEU A 172 -26.94 -4.06 12.91
N GLU A 173 -27.32 -2.91 12.36
CA GLU A 173 -27.56 -1.69 13.15
C GLU A 173 -28.58 -0.83 12.44
N GLY A 174 -29.87 -1.02 12.78
CA GLY A 174 -30.96 -0.24 12.20
C GLY A 174 -31.29 -0.59 10.77
N SER A 175 -31.29 0.42 9.91
CA SER A 175 -31.55 0.25 8.47
C SER A 175 -30.44 -0.54 7.77
N PHE A 176 -30.77 -1.06 6.59
CA PHE A 176 -29.79 -1.71 5.73
C PHE A 176 -28.69 -0.72 5.41
N SER A 177 -27.44 -1.14 5.59
CA SER A 177 -26.31 -0.25 5.37
C SER A 177 -25.20 -0.92 4.60
N ALA A 178 -24.19 -0.13 4.23
CA ALA A 178 -22.98 -0.62 3.56
C ALA A 178 -22.20 -1.69 4.37
N ALA A 179 -22.38 -1.67 5.69
CA ALA A 179 -21.88 -2.70 6.56
C ALA A 179 -22.54 -4.06 6.30
N ASP A 180 -23.85 -4.04 6.01
CA ASP A 180 -24.59 -5.26 5.75
C ASP A 180 -24.13 -5.90 4.44
N ILE A 181 -23.87 -5.08 3.42
CA ILE A 181 -23.28 -5.56 2.16
C ILE A 181 -21.94 -6.28 2.39
N LEU A 182 -21.07 -5.67 3.19
CA LEU A 182 -19.77 -6.22 3.45
C LEU A 182 -19.86 -7.50 4.29
N MET A 183 -20.66 -7.46 5.36
CA MET A 183 -20.84 -8.63 6.22
C MET A 183 -21.49 -9.79 5.49
N ILE A 184 -22.52 -9.50 4.68
CA ILE A 184 -23.22 -10.54 3.93
C ILE A 184 -22.33 -11.19 2.86
N CYS A 185 -21.55 -10.39 2.15
CA CYS A 185 -20.66 -10.93 1.13
C CYS A 185 -19.52 -11.76 1.75
N VAL A 186 -19.03 -11.31 2.91
CA VAL A 186 -18.05 -12.04 3.70
C VAL A 186 -18.63 -13.38 4.18
N LEU A 187 -19.83 -13.37 4.75
CA LEU A 187 -20.49 -14.57 5.21
C LEU A 187 -20.84 -15.58 4.10
N ARG A 188 -21.09 -15.10 2.88
CA ARG A 188 -21.40 -15.99 1.75
C ARG A 188 -20.24 -16.89 1.33
N ARG A 189 -19.01 -16.51 1.70
CA ARG A 189 -17.84 -17.36 1.50
C ARG A 189 -17.89 -18.66 2.32
N LEU A 190 -18.87 -18.76 3.21
CA LEU A 190 -19.06 -19.89 4.11
C LEU A 190 -20.19 -20.81 3.63
N GLU A 191 -20.80 -20.50 2.49
CA GLU A 191 -21.88 -21.31 1.93
C GLU A 191 -21.38 -22.67 1.45
N SER A 192 -20.26 -22.64 0.74
CA SER A 192 -19.56 -23.83 0.21
C SER A 192 -19.27 -24.93 1.26
N SER A 193 -19.04 -24.52 2.51
CA SER A 193 -18.70 -25.43 3.59
C SER A 193 -19.89 -25.79 4.49
N GLY A 194 -21.03 -25.14 4.28
CA GLY A 194 -22.26 -25.47 5.01
C GLY A 194 -22.30 -25.12 6.49
N ILE A 195 -21.27 -24.40 6.96
CA ILE A 195 -21.10 -24.08 8.38
C ILE A 195 -22.23 -23.21 8.97
N LEU A 196 -22.85 -22.39 8.12
CA LEU A 196 -23.94 -21.50 8.55
C LEU A 196 -25.29 -22.18 8.82
N LYS A 197 -25.35 -23.50 8.64
CA LYS A 197 -26.56 -24.28 8.96
C LYS A 197 -26.86 -24.31 10.45
N ASP A 198 -25.83 -24.19 11.29
CA ASP A 198 -26.01 -24.21 12.74
C ASP A 198 -26.28 -22.83 13.33
N TYR A 199 -26.37 -21.82 12.46
CA TYR A 199 -26.61 -20.46 12.88
C TYR A 199 -27.83 -19.89 12.15
N GLY A 200 -29.00 -20.12 12.73
CA GLY A 200 -30.28 -19.81 12.11
C GLY A 200 -30.47 -18.34 11.76
N ASN A 201 -30.16 -17.45 12.70
CA ASN A 201 -30.30 -16.02 12.46
C ASN A 201 -29.31 -15.48 11.41
N LEU A 202 -28.08 -15.99 11.46
CA LEU A 202 -27.05 -15.66 10.47
C LEU A 202 -27.36 -16.19 9.07
N LEU A 203 -27.99 -17.36 9.03
CA LEU A 203 -28.43 -17.96 7.77
C LEU A 203 -29.56 -17.12 7.18
N ALA A 204 -30.56 -16.79 8.01
CA ALA A 204 -31.68 -15.96 7.57
C ALA A 204 -31.23 -14.56 7.15
N TYR A 205 -30.23 -14.04 7.89
CA TYR A 205 -29.63 -12.73 7.64
C TYR A 205 -29.01 -12.63 6.24
N VAL A 206 -28.22 -13.64 5.86
CA VAL A 206 -27.67 -13.74 4.50
C VAL A 206 -28.80 -13.81 3.45
N GLU A 207 -29.80 -14.65 3.71
CA GLU A 207 -30.95 -14.80 2.80
C GLU A 207 -31.74 -13.49 2.60
N ARG A 208 -31.91 -12.74 3.68
CA ARG A 208 -32.54 -11.41 3.66
C ARG A 208 -31.82 -10.45 2.70
N GLY A 209 -30.49 -10.47 2.74
CA GLY A 209 -29.65 -9.65 1.87
C GLY A 209 -29.73 -10.11 0.43
N LYS A 210 -29.78 -11.43 0.23
CA LYS A 210 -29.83 -12.03 -1.10
C LYS A 210 -31.17 -11.80 -1.77
N ALA A 211 -32.21 -11.71 -0.94
CA ALA A 211 -33.57 -11.46 -1.41
C ALA A 211 -33.77 -10.03 -1.95
N ARG A 212 -32.80 -9.13 -1.71
CA ARG A 212 -32.89 -7.75 -2.18
C ARG A 212 -32.63 -7.66 -3.67
N PRO A 213 -33.50 -6.95 -4.39
CA PRO A 213 -33.41 -6.81 -5.85
C PRO A 213 -32.07 -6.26 -6.34
N ALA A 214 -31.45 -5.38 -5.55
CA ALA A 214 -30.12 -4.88 -5.86
C ALA A 214 -29.04 -5.99 -5.85
N PHE A 215 -29.12 -6.92 -4.88
CA PHE A 215 -28.20 -8.06 -4.83
C PHE A 215 -28.39 -8.87 -6.10
N LYS A 216 -29.67 -9.18 -6.38
CA LYS A 216 -30.07 -9.95 -7.56
C LYS A 216 -29.63 -9.32 -8.88
N ARG A 217 -29.71 -8.00 -8.99
CA ARG A 217 -29.24 -7.28 -10.18
CA ARG A 217 -29.23 -7.29 -10.18
C ARG A 217 -27.72 -7.43 -10.32
N ALA A 218 -27.02 -7.29 -9.21
CA ALA A 218 -25.56 -7.42 -9.18
C ALA A 218 -25.14 -8.87 -9.46
N PHE A 219 -25.85 -9.81 -8.85
CA PHE A 219 -25.60 -11.24 -9.09
C PHE A 219 -25.79 -11.64 -10.56
N ASP A 220 -26.89 -11.20 -11.18
CA ASP A 220 -27.17 -11.51 -12.59
C ASP A 220 -26.09 -10.99 -13.54
N ALA A 221 -25.64 -9.75 -13.29
CA ALA A 221 -24.63 -9.10 -14.13
C ALA A 221 -23.27 -9.76 -13.99
N GLN A 222 -23.02 -10.27 -12.79
CA GLN A 222 -21.83 -11.04 -12.46
C GLN A 222 -21.87 -12.39 -13.18
N LEU A 223 -23.02 -13.05 -13.13
CA LEU A 223 -23.25 -14.33 -13.78
C LEU A 223 -23.16 -14.22 -15.31
N ALA A 224 -23.59 -13.08 -15.85
CA ALA A 224 -23.57 -12.80 -17.28
C ALA A 224 -22.15 -12.58 -17.82
N VAL A 225 -21.23 -12.18 -16.94
CA VAL A 225 -19.82 -12.09 -17.29
C VAL A 225 -19.24 -13.49 -17.48
N PHE A 226 -19.61 -14.40 -16.56
CA PHE A 226 -19.14 -15.78 -16.56
C PHE A 226 -19.62 -16.57 -17.80
N THR A 227 -20.85 -16.33 -18.22
CA THR A 227 -21.41 -16.99 -19.40
C THR A 227 -20.84 -16.43 -20.71
N ALA A 228 -20.39 -15.17 -20.68
CA ALA A 228 -19.80 -14.50 -21.85
C ALA A 228 -18.45 -15.09 -22.25
N ALA A 229 -17.69 -15.54 -21.25
CA ALA A 229 -16.42 -16.23 -21.50
C ALA A 229 -16.51 -17.70 -21.10
N LYS B 16 -17.62 19.09 22.81
CA LYS B 16 -17.82 17.62 22.93
C LYS B 16 -16.84 16.99 23.93
N PRO B 17 -17.36 16.18 24.88
CA PRO B 17 -16.60 15.67 26.02
C PRO B 17 -15.43 14.79 25.62
N ASN B 18 -14.44 14.70 26.50
CA ASN B 18 -13.25 13.88 26.27
C ASN B 18 -13.57 12.40 26.24
N PRO B 19 -12.99 11.69 25.25
CA PRO B 19 -13.22 10.26 25.04
C PRO B 19 -12.63 9.39 26.16
N THR B 20 -13.20 8.20 26.30
CA THR B 20 -12.71 7.20 27.22
C THR B 20 -12.38 5.92 26.45
N ILE B 21 -11.12 5.49 26.52
CA ILE B 21 -10.72 4.25 25.88
C ILE B 21 -10.48 3.17 26.93
N THR B 22 -10.49 1.91 26.49
CA THR B 22 -10.42 0.78 27.42
C THR B 22 -9.34 -0.20 27.02
N VAL B 23 -8.37 -0.41 27.92
CA VAL B 23 -7.26 -1.32 27.68
C VAL B 23 -7.27 -2.43 28.74
N PHE B 24 -6.56 -3.53 28.44
CA PHE B 24 -6.26 -4.53 29.47
C PHE B 24 -4.93 -4.17 30.10
N GLU B 25 -4.56 -4.88 31.17
CA GLU B 25 -3.24 -4.73 31.78
C GLU B 25 -2.32 -5.87 31.36
N ARG B 26 -2.55 -6.38 30.14
CA ARG B 26 -1.84 -7.54 29.60
C ARG B 26 -1.35 -7.26 28.18
N SER B 27 -0.04 -7.07 28.02
CA SER B 27 0.59 -6.96 26.70
C SER B 27 2.05 -7.44 26.74
N LEU B 34 2.33 -2.83 21.51
CA LEU B 34 1.92 -3.60 20.34
C LEU B 34 0.44 -3.97 20.34
N ALA B 35 -0.24 -3.67 21.44
CA ALA B 35 -1.68 -3.93 21.57
C ALA B 35 -2.51 -2.94 20.76
N ARG B 36 -3.78 -3.26 20.55
CA ARG B 36 -4.65 -2.55 19.61
C ARG B 36 -5.02 -1.12 19.99
N ASP B 37 -4.66 -0.71 21.21
CA ASP B 37 -4.90 0.64 21.69
C ASP B 37 -3.85 1.63 21.20
N MET B 38 -2.66 1.14 20.87
CA MET B 38 -1.55 1.98 20.42
C MET B 38 -1.88 2.90 19.22
N PRO B 39 -2.52 2.39 18.14
CA PRO B 39 -2.91 3.30 17.05
C PRO B 39 -3.95 4.34 17.47
N VAL B 40 -4.87 3.95 18.36
CA VAL B 40 -5.89 4.85 18.91
C VAL B 40 -5.25 5.93 19.78
N ARG B 41 -4.31 5.51 20.63
CA ARG B 41 -3.50 6.43 21.45
C ARG B 41 -2.71 7.41 20.60
N TRP B 42 -2.11 6.90 19.54
CA TRP B 42 -1.27 7.70 18.66
C TRP B 42 -2.13 8.73 17.92
N ALA B 43 -3.32 8.33 17.49
CA ALA B 43 -4.23 9.23 16.76
C ALA B 43 -4.73 10.38 17.64
N LEU B 44 -5.08 10.06 18.88
CA LEU B 44 -5.50 11.05 19.87
C LEU B 44 -4.38 12.02 20.20
N GLU B 45 -3.16 11.52 20.35
CA GLU B 45 -2.01 12.39 20.58
C GLU B 45 -1.70 13.31 19.41
N GLU B 46 -1.72 12.74 18.21
CA GLU B 46 -1.43 13.41 16.97
C GLU B 46 -2.38 14.59 16.80
N VAL B 47 -3.62 14.37 17.19
CA VAL B 47 -4.68 15.32 17.00
C VAL B 47 -4.88 16.24 18.23
N GLY B 48 -4.32 15.85 19.37
CA GLY B 48 -4.31 16.69 20.56
C GLY B 48 -5.46 16.52 21.55
N GLN B 49 -6.31 15.50 21.33
CA GLN B 49 -7.46 15.27 22.20
C GLN B 49 -7.03 14.56 23.49
N PRO B 50 -7.35 15.17 24.65
CA PRO B 50 -7.14 14.49 25.92
C PRO B 50 -8.16 13.37 26.08
N TYR B 51 -7.80 12.36 26.86
CA TYR B 51 -8.59 11.12 26.91
C TYR B 51 -8.37 10.37 28.22
N HIS B 52 -9.41 9.69 28.69
CA HIS B 52 -9.32 8.89 29.91
C HIS B 52 -9.14 7.41 29.56
N VAL B 53 -8.50 6.67 30.46
CA VAL B 53 -8.22 5.25 30.23
C VAL B 53 -8.83 4.39 31.35
N ARG B 54 -9.79 3.53 30.99
CA ARG B 54 -10.34 2.54 31.92
C ARG B 54 -9.65 1.19 31.74
N ARG B 55 -9.31 0.54 32.85
CA ARG B 55 -8.57 -0.71 32.84
C ARG B 55 -9.50 -1.90 33.08
N LEU B 56 -9.16 -3.06 32.53
CA LEU B 56 -10.00 -4.26 32.65
C LEU B 56 -9.26 -5.60 32.65
N SER B 57 -9.93 -6.62 33.18
CA SER B 57 -9.47 -8.01 33.15
C SER B 57 -10.65 -8.96 33.04
N PHE B 58 -10.43 -10.13 32.44
CA PHE B 58 -11.45 -11.17 32.33
C PHE B 58 -10.89 -12.57 32.63
N GLN B 70 -18.40 -3.81 22.40
CA GLN B 70 -17.52 -4.74 21.71
C GLN B 70 -18.13 -6.12 21.71
N PRO B 71 -18.86 -6.46 20.63
CA PRO B 71 -19.44 -7.79 20.46
C PRO B 71 -18.38 -8.89 20.35
N PHE B 72 -17.13 -8.50 20.15
CA PHE B 72 -16.04 -9.44 19.88
C PHE B 72 -14.98 -9.50 20.97
N GLY B 73 -15.24 -8.84 22.10
CA GLY B 73 -14.38 -8.89 23.28
C GLY B 73 -12.96 -8.39 23.06
N GLN B 74 -12.84 -7.29 22.33
CA GLN B 74 -11.54 -6.72 22.00
C GLN B 74 -11.35 -5.33 22.58
N ILE B 75 -10.12 -5.04 22.99
CA ILE B 75 -9.70 -3.68 23.24
C ILE B 75 -9.32 -3.07 21.89
N PRO B 76 -9.51 -1.74 21.72
CA PRO B 76 -10.10 -0.83 22.69
C PRO B 76 -11.57 -0.51 22.44
N SER B 77 -12.27 -0.19 23.51
CA SER B 77 -13.55 0.48 23.45
C SER B 77 -13.23 1.96 23.33
N TYR B 78 -14.10 2.69 22.65
CA TYR B 78 -14.00 4.13 22.59
C TYR B 78 -15.38 4.66 22.97
N GLU B 79 -15.44 5.46 24.03
CA GLU B 79 -16.69 6.05 24.49
C GLU B 79 -16.60 7.57 24.51
N GLN B 80 -17.58 8.22 23.91
CA GLN B 80 -17.67 9.67 23.87
C GLN B 80 -19.14 10.08 23.78
N GLY B 81 -19.71 10.47 24.91
CA GLY B 81 -21.14 10.76 25.01
C GLY B 81 -21.95 9.50 24.86
N ASP B 82 -22.89 9.52 23.90
CA ASP B 82 -23.74 8.37 23.64
C ASP B 82 -23.14 7.40 22.61
N LEU B 83 -21.97 7.76 22.08
CA LEU B 83 -21.28 6.96 21.08
C LEU B 83 -20.30 5.97 21.69
N ILE B 84 -20.52 4.69 21.43
CA ILE B 84 -19.57 3.65 21.80
C ILE B 84 -19.01 3.09 20.48
N LEU B 85 -17.70 2.88 20.44
CA LEU B 85 -17.04 2.40 19.24
C LEU B 85 -16.13 1.21 19.50
N PHE B 86 -16.12 0.31 18.54
CA PHE B 86 -15.17 -0.77 18.48
C PHE B 86 -14.48 -0.74 17.13
N GLU B 87 -13.46 -1.58 16.97
CA GLU B 87 -12.59 -1.64 15.78
C GLU B 87 -11.64 -0.46 15.69
N SER B 88 -10.35 -0.74 15.86
CA SER B 88 -9.27 0.25 15.80
C SER B 88 -9.33 1.12 14.56
N GLY B 89 -9.65 0.53 13.41
CA GLY B 89 -9.84 1.26 12.17
C GLY B 89 -10.97 2.28 12.22
N ALA B 90 -12.07 1.90 12.84
CA ALA B 90 -13.26 2.74 12.94
C ALA B 90 -13.08 3.88 13.96
N ILE B 91 -12.43 3.54 15.06
CA ILE B 91 -12.08 4.49 16.11
C ILE B 91 -11.12 5.55 15.56
N VAL B 92 -10.03 5.10 14.94
CA VAL B 92 -9.08 6.00 14.27
C VAL B 92 -9.78 6.86 13.21
N MET B 93 -10.71 6.26 12.44
CA MET B 93 -11.45 6.99 11.41
C MET B 93 -12.19 8.18 12.00
N HIS B 94 -12.98 7.89 13.04
CA HIS B 94 -13.81 8.86 13.76
C HIS B 94 -13.00 10.01 14.35
N ILE B 95 -11.87 9.67 14.94
CA ILE B 95 -10.93 10.66 15.48
C ILE B 95 -10.42 11.56 14.36
N ALA B 96 -10.08 10.96 13.21
CA ALA B 96 -9.50 11.68 12.10
C ALA B 96 -10.50 12.58 11.34
N GLN B 97 -11.77 12.19 11.26
CA GLN B 97 -12.71 12.96 10.43
C GLN B 97 -13.34 14.17 11.11
N HIS B 98 -13.23 14.23 12.43
CA HIS B 98 -13.82 15.32 13.21
C HIS B 98 -12.78 16.27 13.80
N HIS B 99 -11.51 15.93 13.66
CA HIS B 99 -10.41 16.84 13.98
C HIS B 99 -9.46 16.95 12.78
N SER B 100 -8.37 17.70 12.91
CA SER B 100 -7.58 18.10 11.75
C SER B 100 -6.17 17.49 11.64
N GLY B 101 -5.78 17.14 10.41
CA GLY B 101 -4.40 16.78 10.08
C GLY B 101 -4.12 15.32 9.72
N LEU B 102 -5.07 14.44 9.97
CA LEU B 102 -4.89 13.01 9.71
C LEU B 102 -5.62 12.54 8.48
N LEU B 103 -6.55 13.38 7.99
CA LEU B 103 -7.27 13.14 6.75
C LEU B 103 -7.19 14.37 5.85
N PRO B 104 -6.82 14.16 4.58
CA PRO B 104 -6.80 15.27 3.61
C PRO B 104 -8.20 15.82 3.35
N GLU B 105 -8.28 17.12 3.12
CA GLU B 105 -9.55 17.81 2.91
C GLU B 105 -10.13 17.47 1.54
N ASP B 106 -9.24 17.42 0.55
CA ASP B 106 -9.57 17.01 -0.82
C ASP B 106 -10.19 15.62 -0.80
N GLN B 107 -11.36 15.50 -1.43
CA GLN B 107 -12.16 14.27 -1.42
C GLN B 107 -11.50 13.10 -2.13
N LEU B 108 -10.71 13.40 -3.16
CA LEU B 108 -9.97 12.39 -3.92
C LEU B 108 -8.77 11.89 -3.14
N ARG B 109 -8.13 12.78 -2.38
CA ARG B 109 -7.03 12.44 -1.49
C ARG B 109 -7.55 11.67 -0.28
N ARG B 110 -8.70 12.09 0.23
CA ARG B 110 -9.34 11.48 1.38
C ARG B 110 -9.77 10.04 1.11
N ALA B 111 -10.33 9.80 -0.07
CA ALA B 111 -10.80 8.47 -0.46
C ALA B 111 -9.65 7.47 -0.52
N ARG B 112 -8.53 7.90 -1.11
CA ARG B 112 -7.32 7.09 -1.22
C ARG B 112 -6.71 6.78 0.16
N THR B 113 -6.85 7.72 1.09
CA THR B 113 -6.37 7.53 2.46
C THR B 113 -7.14 6.41 3.13
N VAL B 114 -8.47 6.42 2.97
CA VAL B 114 -9.34 5.34 3.47
C VAL B 114 -8.96 3.97 2.87
N ALA B 115 -8.56 3.96 1.60
CA ALA B 115 -8.13 2.72 0.94
C ALA B 115 -6.93 2.13 1.67
N TRP B 116 -5.97 2.97 1.99
CA TRP B 116 -4.79 2.55 2.71
C TRP B 116 -5.06 2.09 4.13
N MET B 117 -6.04 2.72 4.79
CA MET B 117 -6.48 2.33 6.14
C MET B 117 -7.09 0.92 6.09
N PHE B 118 -7.83 0.64 5.03
CA PHE B 118 -8.39 -0.68 4.79
C PHE B 118 -7.32 -1.71 4.41
N ALA B 119 -6.44 -1.37 3.48
CA ALA B 119 -5.30 -2.22 3.08
C ALA B 119 -4.39 -2.62 4.25
N ALA B 120 -4.17 -1.70 5.18
CA ALA B 120 -3.34 -1.97 6.36
C ALA B 120 -3.89 -3.09 7.20
N LEU B 121 -5.21 -3.07 7.43
CA LEU B 121 -5.85 -3.97 8.39
C LEU B 121 -6.45 -5.24 7.79
N ASN B 122 -6.73 -5.26 6.49
CA ASN B 122 -7.27 -6.47 5.87
C ASN B 122 -6.44 -7.14 4.77
N THR B 123 -5.38 -6.47 4.31
CA THR B 123 -4.47 -7.00 3.30
C THR B 123 -3.09 -7.29 3.89
N ILE B 124 -2.53 -6.33 4.62
CA ILE B 124 -1.18 -6.46 5.18
C ILE B 124 -1.18 -7.17 6.55
N GLU B 125 -2.06 -6.73 7.44
CA GLU B 125 -2.14 -7.27 8.80
C GLU B 125 -2.49 -8.78 8.95
N PRO B 126 -3.40 -9.33 8.10
CA PRO B 126 -3.64 -10.77 8.28
C PRO B 126 -2.43 -11.65 7.92
N SER B 127 -1.71 -11.29 6.86
CA SER B 127 -0.45 -11.95 6.49
C SER B 127 0.55 -11.92 7.63
N ILE B 128 0.61 -10.77 8.30
CA ILE B 128 1.44 -10.60 9.49
C ILE B 128 0.96 -11.49 10.65
N LEU B 129 -0.35 -11.45 10.91
CA LEU B 129 -0.98 -12.27 11.95
C LEU B 129 -0.78 -13.76 11.75
N ASN B 130 -0.89 -14.21 10.50
CA ASN B 130 -0.74 -15.62 10.15
C ASN B 130 0.69 -16.13 10.25
N PHE B 131 1.66 -15.25 10.03
CA PHE B 131 3.06 -15.59 10.19
C PHE B 131 3.46 -15.63 11.66
N THR B 132 3.11 -14.56 12.40
CA THR B 132 3.48 -14.40 13.82
C THR B 132 2.88 -15.45 14.74
N THR B 133 1.70 -15.98 14.39
CA THR B 133 1.06 -17.02 15.20
C THR B 133 1.71 -18.40 15.02
N VAL B 134 2.37 -18.60 13.88
CA VAL B 134 3.17 -19.81 13.66
C VAL B 134 4.54 -19.63 14.31
N TRP B 135 5.18 -18.50 14.01
CA TRP B 135 6.50 -18.10 14.51
C TRP B 135 6.63 -18.11 16.04
N LEU B 136 5.55 -17.78 16.75
CA LEU B 136 5.60 -17.67 18.21
C LEU B 136 4.73 -18.69 18.94
N PHE B 137 3.45 -18.76 18.59
CA PHE B 137 2.47 -19.55 19.35
C PHE B 137 2.42 -21.06 19.04
N GLU B 138 2.88 -21.45 17.86
CA GLU B 138 2.79 -22.86 17.44
C GLU B 138 4.15 -23.47 17.12
N ARG B 139 5.08 -23.37 18.07
CA ARG B 139 6.40 -23.99 17.98
C ARG B 139 6.32 -25.50 18.23
N ASN B 140 5.54 -25.88 19.24
CA ASN B 140 5.43 -27.27 19.71
C ASN B 140 4.57 -28.18 18.84
N GLU B 141 3.82 -27.59 17.91
CA GLU B 141 2.99 -28.34 16.99
C GLU B 141 3.87 -28.95 15.90
N PRO B 142 3.66 -30.24 15.56
CA PRO B 142 4.54 -30.99 14.65
C PRO B 142 4.49 -30.57 13.16
N TRP B 143 3.62 -29.62 12.83
CA TRP B 143 3.52 -29.10 11.46
C TRP B 143 4.24 -27.75 11.28
N HIS B 144 5.22 -27.47 12.14
CA HIS B 144 5.83 -26.14 12.24
C HIS B 144 6.54 -25.62 10.98
N GLU B 145 7.62 -26.28 10.57
CA GLU B 145 8.47 -25.81 9.46
C GLU B 145 7.80 -25.81 8.08
N ALA B 146 6.74 -26.61 7.93
CA ALA B 146 5.91 -26.60 6.73
C ALA B 146 5.04 -25.33 6.68
N ARG B 147 4.38 -25.04 7.79
CA ARG B 147 3.44 -23.93 7.90
C ARG B 147 4.16 -22.56 7.96
N LEU B 148 5.30 -22.52 8.63
CA LEU B 148 6.13 -21.33 8.77
C LEU B 148 6.64 -20.81 7.44
N ALA B 149 7.05 -21.73 6.56
CA ALA B 149 7.58 -21.38 5.25
C ALA B 149 6.52 -20.85 4.29
N ARG B 150 5.29 -21.36 4.44
CA ARG B 150 4.17 -20.96 3.58
C ARG B 150 3.68 -19.56 3.90
N THR B 151 3.49 -19.28 5.19
CA THR B 151 3.07 -17.95 5.67
C THR B 151 4.13 -16.88 5.40
N LYS B 152 5.41 -17.26 5.50
CA LYS B 152 6.52 -16.35 5.22
C LYS B 152 6.56 -15.94 3.76
N GLU B 153 6.30 -16.89 2.86
CA GLU B 153 6.29 -16.64 1.42
C GLU B 153 5.14 -15.70 1.03
N GLN B 154 3.99 -15.90 1.68
CA GLN B 154 2.81 -15.06 1.45
C GLN B 154 3.01 -13.66 2.05
N LEU B 155 3.75 -13.60 3.16
CA LEU B 155 4.13 -12.33 3.79
C LEU B 155 5.07 -11.53 2.91
N LEU B 156 6.16 -12.17 2.48
CA LEU B 156 7.16 -11.56 1.63
C LEU B 156 6.56 -10.94 0.38
N LYS B 157 5.57 -11.61 -0.22
CA LYS B 157 4.85 -11.08 -1.38
C LYS B 157 4.08 -9.79 -1.08
N ARG B 158 3.47 -9.72 0.11
CA ARG B 158 2.77 -8.53 0.56
C ARG B 158 3.73 -7.39 0.79
N LEU B 159 4.87 -7.70 1.40
CA LEU B 159 5.88 -6.70 1.71
C LEU B 159 6.58 -6.19 0.45
N ASP B 160 6.70 -7.06 -0.54
CA ASP B 160 7.22 -6.71 -1.86
C ASP B 160 6.35 -5.65 -2.51
N GLU B 161 5.03 -5.86 -2.44
CA GLU B 161 4.07 -4.95 -3.07
C GLU B 161 4.06 -3.61 -2.32
N LEU B 162 4.11 -3.68 -0.99
CA LEU B 162 4.14 -2.50 -0.13
C LEU B 162 5.40 -1.66 -0.36
N SER B 163 6.56 -2.32 -0.38
CA SER B 163 7.84 -1.67 -0.71
C SER B 163 7.82 -1.01 -2.10
N ALA B 164 7.27 -1.71 -3.07
CA ALA B 164 7.14 -1.20 -4.43
C ALA B 164 6.24 0.03 -4.50
N TRP B 165 5.10 0.01 -3.80
CA TRP B 165 4.27 1.20 -3.78
C TRP B 165 5.03 2.37 -3.12
N LEU B 166 5.60 2.11 -1.95
CA LEU B 166 6.23 3.16 -1.15
C LEU B 166 7.39 3.82 -1.87
N GLY B 167 8.26 3.02 -2.49
CA GLY B 167 9.43 3.56 -3.19
C GLY B 167 10.31 4.39 -2.27
N ASP B 168 10.55 5.63 -2.69
CA ASP B 168 11.34 6.56 -1.91
C ASP B 168 10.47 7.64 -1.23
N ARG B 169 9.15 7.48 -1.29
CA ARG B 169 8.19 8.39 -0.65
C ARG B 169 8.38 8.40 0.87
N GLU B 170 8.08 9.55 1.49
CA GLU B 170 8.16 9.70 2.94
C GLU B 170 7.06 8.90 3.65
N TRP B 171 5.84 9.06 3.15
CA TRP B 171 4.67 8.40 3.71
C TRP B 171 3.92 7.67 2.58
N LEU B 172 2.87 6.91 2.94
CA LEU B 172 2.09 6.14 1.98
C LEU B 172 1.47 6.97 0.86
N GLU B 173 0.86 8.10 1.22
CA GLU B 173 0.14 8.91 0.24
C GLU B 173 0.17 10.39 0.62
N GLY B 174 1.20 11.09 0.16
CA GLY B 174 1.38 12.51 0.48
C GLY B 174 1.81 12.75 1.92
N SER B 175 1.16 13.70 2.57
CA SER B 175 1.47 14.01 3.97
C SER B 175 1.05 12.86 4.91
N PHE B 176 1.66 12.83 6.08
CA PHE B 176 1.34 11.89 7.15
C PHE B 176 -0.16 11.85 7.39
N SER B 177 -0.68 10.66 7.62
CA SER B 177 -2.12 10.49 7.77
C SER B 177 -2.44 9.37 8.76
N ALA B 178 -3.73 9.14 8.98
CA ALA B 178 -4.22 8.02 9.78
C ALA B 178 -3.91 6.64 9.17
N ALA B 179 -3.75 6.58 7.84
CA ALA B 179 -3.29 5.37 7.14
C ALA B 179 -1.88 4.96 7.60
N ASP B 180 -1.00 5.95 7.71
CA ASP B 180 0.36 5.74 8.21
C ASP B 180 0.38 5.25 9.65
N ILE B 181 -0.49 5.79 10.49
CA ILE B 181 -0.64 5.32 11.87
C ILE B 181 -1.02 3.84 11.92
N LEU B 182 -2.05 3.49 11.14
CA LEU B 182 -2.50 2.11 11.11
C LEU B 182 -1.44 1.17 10.53
N MET B 183 -0.80 1.56 9.42
CA MET B 183 0.22 0.73 8.77
C MET B 183 1.47 0.55 9.64
N ILE B 184 1.99 1.65 10.19
CA ILE B 184 3.19 1.60 11.02
C ILE B 184 2.99 0.72 12.25
N CYS B 185 1.84 0.85 12.90
CA CYS B 185 1.49 -0.01 14.03
C CYS B 185 1.36 -1.48 13.63
N VAL B 186 0.77 -1.72 12.46
CA VAL B 186 0.67 -3.07 11.90
C VAL B 186 2.08 -3.66 11.65
N LEU B 187 2.95 -2.87 11.01
CA LEU B 187 4.31 -3.30 10.70
C LEU B 187 5.22 -3.52 11.91
N ARG B 188 4.90 -2.88 13.04
CA ARG B 188 5.72 -3.04 14.26
C ARG B 188 5.63 -4.42 14.92
N ARG B 189 4.62 -5.21 14.57
CA ARG B 189 4.51 -6.60 15.03
C ARG B 189 5.55 -7.53 14.37
N LEU B 190 6.18 -7.02 13.31
CA LEU B 190 7.30 -7.69 12.64
C LEU B 190 8.68 -7.36 13.22
N GLU B 191 8.72 -6.62 14.33
CA GLU B 191 10.00 -6.25 14.96
C GLU B 191 10.68 -7.46 15.57
N SER B 192 9.93 -8.20 16.37
CA SER B 192 10.36 -9.45 17.02
C SER B 192 10.96 -10.48 16.06
N SER B 193 10.53 -10.44 14.80
CA SER B 193 10.94 -11.39 13.77
C SER B 193 12.20 -10.98 13.02
N GLY B 194 12.36 -9.66 12.81
CA GLY B 194 13.50 -9.12 12.06
C GLY B 194 13.36 -9.24 10.56
N ILE B 195 12.13 -9.44 10.09
CA ILE B 195 11.86 -9.63 8.65
C ILE B 195 11.97 -8.33 7.82
N LEU B 196 11.75 -7.19 8.48
CA LEU B 196 11.80 -5.87 7.83
C LEU B 196 13.19 -5.42 7.40
N LYS B 197 14.22 -6.17 7.80
CA LYS B 197 15.62 -5.82 7.54
C LYS B 197 16.03 -5.91 6.07
N ASP B 198 15.28 -6.68 5.29
CA ASP B 198 15.53 -6.81 3.85
C ASP B 198 14.70 -5.82 3.04
N TYR B 199 13.83 -5.09 3.74
CA TYR B 199 13.05 -4.01 3.15
C TYR B 199 13.49 -2.70 3.81
N GLY B 200 14.52 -2.10 3.23
CA GLY B 200 15.13 -0.89 3.76
C GLY B 200 14.16 0.28 3.85
N ASN B 201 13.34 0.46 2.82
CA ASN B 201 12.43 1.61 2.80
C ASN B 201 11.25 1.49 3.77
N LEU B 202 10.90 0.25 4.12
CA LEU B 202 9.84 -0.08 5.07
C LEU B 202 10.32 0.01 6.51
N LEU B 203 11.57 -0.41 6.72
CA LEU B 203 12.21 -0.33 8.02
C LEU B 203 12.39 1.13 8.44
N ALA B 204 12.76 1.97 7.48
CA ALA B 204 12.94 3.41 7.69
C ALA B 204 11.61 4.14 7.80
N TYR B 205 10.60 3.61 7.10
CA TYR B 205 9.22 4.09 7.19
C TYR B 205 8.70 3.99 8.62
N VAL B 206 8.94 2.83 9.26
CA VAL B 206 8.58 2.56 10.65
C VAL B 206 9.28 3.54 11.61
N GLU B 207 10.56 3.81 11.34
CA GLU B 207 11.37 4.73 12.15
C GLU B 207 10.94 6.19 11.99
N ARG B 208 10.49 6.54 10.79
CA ARG B 208 9.97 7.86 10.45
C ARG B 208 8.75 8.19 11.32
N GLY B 209 7.86 7.21 11.50
CA GLY B 209 6.68 7.37 12.35
C GLY B 209 7.03 7.35 13.83
N LYS B 210 7.97 6.48 14.21
CA LYS B 210 8.44 6.39 15.60
C LYS B 210 9.11 7.67 16.11
N ALA B 211 9.78 8.39 15.20
CA ALA B 211 10.45 9.64 15.53
C ALA B 211 9.50 10.85 15.72
N ARG B 212 8.23 10.68 15.39
CA ARG B 212 7.25 11.76 15.61
C ARG B 212 6.94 11.91 17.09
N PRO B 213 6.93 13.16 17.60
CA PRO B 213 6.71 13.44 19.02
C PRO B 213 5.43 12.82 19.58
N ALA B 214 4.34 12.87 18.80
CA ALA B 214 3.06 12.28 19.21
C ALA B 214 3.11 10.78 19.42
N PHE B 215 3.92 10.08 18.63
CA PHE B 215 4.14 8.64 18.82
C PHE B 215 4.74 8.39 20.19
N LYS B 216 5.81 9.10 20.50
CA LYS B 216 6.53 8.97 21.79
C LYS B 216 5.63 9.26 22.99
N ARG B 217 4.78 10.28 22.86
CA ARG B 217 3.82 10.61 23.90
CA ARG B 217 3.80 10.63 23.89
C ARG B 217 2.76 9.52 24.07
N ALA B 218 2.36 8.89 22.96
CA ALA B 218 1.43 7.77 23.00
C ALA B 218 2.10 6.49 23.48
N PHE B 219 3.40 6.36 23.20
CA PHE B 219 4.20 5.23 23.66
C PHE B 219 4.34 5.23 25.18
N ASP B 220 4.59 6.42 25.74
CA ASP B 220 4.82 6.58 27.18
C ASP B 220 3.56 6.41 28.01
N ALA B 221 2.44 6.90 27.48
CA ALA B 221 1.14 6.81 28.15
C ALA B 221 0.64 5.36 28.21
N GLN B 222 0.98 4.59 27.18
CA GLN B 222 0.73 3.16 27.10
C GLN B 222 1.64 2.40 28.09
N LEU B 223 2.83 2.94 28.31
CA LEU B 223 3.81 2.39 29.25
C LEU B 223 3.47 2.74 30.71
N ALA B 224 2.62 3.74 30.90
CA ALA B 224 2.18 4.17 32.23
C ALA B 224 1.19 3.19 32.86
N VAL B 225 0.38 2.55 32.02
CA VAL B 225 -0.57 1.52 32.45
C VAL B 225 0.14 0.17 32.58
N PHE B 226 1.26 0.04 31.87
CA PHE B 226 2.12 -1.15 31.90
C PHE B 226 2.80 -1.30 33.27
N THR B 227 3.14 -0.18 33.90
CA THR B 227 3.90 -0.17 35.16
C THR B 227 3.01 -0.14 36.42
N ALA B 228 1.81 0.42 36.29
CA ALA B 228 0.87 0.55 37.41
C ALA B 228 0.37 -0.81 37.93
N ALA B 229 0.32 -1.79 37.03
CA ALA B 229 0.02 -3.18 37.39
C ALA B 229 1.24 -3.81 38.07
N GLU C 14 29.43 -8.09 -39.84
CA GLU C 14 29.34 -9.20 -38.84
C GLU C 14 28.36 -8.84 -37.72
N MET C 15 27.64 -9.85 -37.25
CA MET C 15 26.64 -9.71 -36.19
C MET C 15 27.22 -9.24 -34.86
N LYS C 16 26.65 -8.14 -34.37
CA LYS C 16 26.93 -7.67 -33.02
C LYS C 16 25.77 -8.15 -32.16
N PRO C 17 26.06 -9.01 -31.16
CA PRO C 17 25.02 -9.54 -30.27
C PRO C 17 24.29 -8.44 -29.52
N ASN C 18 23.02 -8.68 -29.20
CA ASN C 18 22.18 -7.68 -28.52
C ASN C 18 22.51 -7.51 -27.04
N PRO C 19 22.55 -6.24 -26.57
CA PRO C 19 22.95 -5.90 -25.20
C PRO C 19 21.97 -6.36 -24.12
N THR C 20 22.50 -6.95 -23.06
CA THR C 20 21.72 -7.40 -21.92
C THR C 20 22.00 -6.51 -20.71
N ILE C 21 20.96 -5.80 -20.26
CA ILE C 21 21.08 -5.04 -19.02
C ILE C 21 20.54 -5.86 -17.85
N THR C 22 21.19 -5.73 -16.71
CA THR C 22 20.81 -6.51 -15.55
C THR C 22 20.25 -5.62 -14.46
N VAL C 23 19.06 -5.98 -13.98
CA VAL C 23 18.42 -5.34 -12.83
C VAL C 23 18.29 -6.34 -11.70
N PHE C 24 18.01 -5.85 -10.48
CA PHE C 24 17.53 -6.73 -9.42
C PHE C 24 16.04 -6.89 -9.67
N GLU C 25 15.49 -8.06 -9.32
CA GLU C 25 14.08 -8.35 -9.61
C GLU C 25 13.11 -7.45 -8.84
N ARG C 26 13.48 -7.09 -7.62
CA ARG C 26 12.69 -6.19 -6.79
C ARG C 26 13.58 -5.05 -6.31
N SER C 27 13.50 -3.92 -7.02
CA SER C 27 14.30 -2.75 -6.70
C SER C 27 13.61 -1.91 -5.61
N PRO C 28 14.41 -1.28 -4.72
CA PRO C 28 13.84 -0.40 -3.67
C PRO C 28 13.27 0.94 -4.17
N ASP C 29 13.39 1.22 -5.47
CA ASP C 29 12.77 2.41 -6.07
C ASP C 29 11.28 2.16 -6.35
N GLY C 30 10.95 0.88 -6.54
CA GLY C 30 9.56 0.43 -6.69
C GLY C 30 8.76 0.89 -7.89
N GLY C 31 9.38 0.88 -9.06
CA GLY C 31 8.69 1.27 -10.30
C GLY C 31 8.38 2.76 -10.40
N ARG C 32 9.18 3.59 -9.73
CA ARG C 32 9.10 5.04 -9.88
C ARG C 32 10.12 5.54 -10.90
N GLY C 33 10.96 4.62 -11.37
CA GLY C 33 11.96 4.90 -12.41
C GLY C 33 13.19 5.60 -11.87
N LEU C 34 13.67 5.14 -10.72
CA LEU C 34 14.72 5.86 -10.00
C LEU C 34 16.02 5.07 -9.82
N ALA C 35 15.98 3.76 -10.09
CA ALA C 35 17.19 2.94 -10.09
C ALA C 35 18.06 3.24 -11.31
N ARG C 36 19.33 2.84 -11.25
CA ARG C 36 20.34 3.26 -12.25
C ARG C 36 20.23 2.60 -13.63
N ASP C 37 19.32 1.65 -13.78
CA ASP C 37 18.99 1.09 -15.09
C ASP C 37 18.15 2.04 -15.94
N MET C 38 17.46 2.96 -15.28
CA MET C 38 16.60 3.93 -15.98
C MET C 38 17.31 4.86 -16.99
N PRO C 39 18.48 5.48 -16.63
CA PRO C 39 19.21 6.23 -17.66
C PRO C 39 19.69 5.37 -18.82
N VAL C 40 20.02 4.12 -18.51
CA VAL C 40 20.52 3.16 -19.49
C VAL C 40 19.42 2.73 -20.47
N ARG C 41 18.25 2.40 -19.93
CA ARG C 41 17.05 2.13 -20.73
C ARG C 41 16.67 3.30 -21.63
N TRP C 42 16.65 4.50 -21.04
CA TRP C 42 16.33 5.73 -21.77
C TRP C 42 17.32 5.99 -22.91
N ALA C 43 18.60 5.78 -22.66
CA ALA C 43 19.63 5.93 -23.70
C ALA C 43 19.40 4.95 -24.87
N LEU C 44 19.15 3.68 -24.52
CA LEU C 44 18.88 2.63 -25.50
C LEU C 44 17.67 2.93 -26.36
N GLU C 45 16.60 3.44 -25.74
CA GLU C 45 15.37 3.79 -26.46
C GLU C 45 15.51 5.07 -27.29
N GLU C 46 16.40 5.96 -26.88
CA GLU C 46 16.62 7.23 -27.61
C GLU C 46 17.29 6.98 -28.95
N VAL C 47 18.22 6.03 -28.94
CA VAL C 47 18.89 5.55 -30.14
C VAL C 47 17.91 4.69 -30.96
N GLY C 48 17.25 3.75 -30.30
CA GLY C 48 16.37 2.80 -30.96
C GLY C 48 17.01 1.43 -31.01
N GLN C 49 17.66 1.05 -29.90
CA GLN C 49 18.36 -0.22 -29.82
C GLN C 49 17.50 -1.29 -29.13
N PRO C 50 17.46 -2.51 -29.71
CA PRO C 50 16.84 -3.63 -29.02
C PRO C 50 17.74 -4.12 -27.89
N TYR C 51 17.17 -4.40 -26.73
CA TYR C 51 17.94 -4.90 -25.60
C TYR C 51 17.15 -5.91 -24.78
N HIS C 52 17.87 -6.82 -24.11
CA HIS C 52 17.25 -7.79 -23.23
C HIS C 52 17.46 -7.42 -21.77
N VAL C 53 16.76 -8.11 -20.87
CA VAL C 53 16.79 -7.84 -19.44
C VAL C 53 17.02 -9.13 -18.64
N ARG C 54 18.00 -9.11 -17.74
CA ARG C 54 18.18 -10.21 -16.79
C ARG C 54 17.85 -9.74 -15.36
N ARG C 55 17.24 -10.63 -14.57
CA ARG C 55 16.89 -10.32 -13.17
C ARG C 55 17.79 -11.05 -12.18
N LEU C 56 18.13 -10.38 -11.07
CA LEU C 56 19.02 -10.95 -10.07
C LEU C 56 18.45 -11.05 -8.65
N SER C 57 19.11 -11.85 -7.83
CA SER C 57 18.80 -12.01 -6.40
C SER C 57 20.04 -12.46 -5.63
N PHE C 58 20.08 -12.14 -4.34
CA PHE C 58 21.19 -12.56 -3.46
C PHE C 58 20.69 -13.05 -2.10
N ALA C 68 29.37 -14.29 -10.75
CA ALA C 68 29.66 -13.04 -11.46
C ALA C 68 30.59 -12.14 -10.65
N TYR C 69 31.28 -11.25 -11.34
CA TYR C 69 32.16 -10.27 -10.69
C TYR C 69 31.96 -8.85 -11.20
N GLN C 70 31.02 -8.15 -10.57
CA GLN C 70 30.82 -6.71 -10.79
C GLN C 70 31.16 -6.00 -9.48
N PRO C 71 32.25 -5.20 -9.49
CA PRO C 71 33.05 -4.87 -8.29
C PRO C 71 32.31 -4.29 -7.09
N PHE C 72 31.20 -3.58 -7.32
CA PHE C 72 30.56 -2.80 -6.25
C PHE C 72 29.12 -3.18 -5.89
N GLY C 73 28.56 -4.15 -6.62
CA GLY C 73 27.24 -4.68 -6.32
C GLY C 73 26.11 -3.70 -6.59
N GLN C 74 26.14 -3.07 -7.76
CA GLN C 74 25.08 -2.16 -8.16
C GLN C 74 24.51 -2.46 -9.55
N ILE C 75 23.39 -1.81 -9.84
CA ILE C 75 22.67 -1.93 -11.10
C ILE C 75 23.05 -0.65 -11.86
N PRO C 76 23.22 -0.74 -13.19
CA PRO C 76 23.13 -1.95 -14.00
C PRO C 76 24.45 -2.58 -14.40
N SER C 77 24.40 -3.89 -14.63
CA SER C 77 25.41 -4.55 -15.42
C SER C 77 24.95 -4.41 -16.87
N TYR C 78 25.90 -4.36 -17.80
CA TYR C 78 25.60 -4.25 -19.22
C TYR C 78 26.50 -5.22 -19.97
N GLU C 79 25.92 -6.30 -20.47
CA GLU C 79 26.65 -7.31 -21.23
C GLU C 79 26.41 -7.18 -22.72
N GLN C 80 27.46 -7.44 -23.51
CA GLN C 80 27.38 -7.46 -24.97
C GLN C 80 28.60 -8.16 -25.56
N GLY C 81 28.47 -9.47 -25.76
CA GLY C 81 29.59 -10.27 -26.23
C GLY C 81 30.58 -10.52 -25.10
N ASP C 82 31.83 -10.10 -25.32
CA ASP C 82 32.87 -10.17 -24.29
C ASP C 82 32.91 -8.91 -23.44
N LEU C 83 32.19 -7.88 -23.88
CA LEU C 83 32.09 -6.62 -23.15
C LEU C 83 31.13 -6.71 -21.97
N ILE C 84 31.71 -6.75 -20.77
CA ILE C 84 30.96 -6.63 -19.53
C ILE C 84 31.21 -5.23 -18.98
N LEU C 85 30.13 -4.44 -18.89
CA LEU C 85 30.22 -3.08 -18.38
C LEU C 85 29.48 -2.87 -17.08
N PHE C 86 30.07 -2.03 -16.24
CA PHE C 86 29.41 -1.50 -15.07
C PHE C 86 29.44 0.02 -15.19
N GLU C 87 28.86 0.71 -14.20
CA GLU C 87 28.89 2.17 -14.08
C GLU C 87 27.99 2.85 -15.12
N SER C 88 26.84 3.34 -14.65
CA SER C 88 25.80 3.91 -15.51
C SER C 88 26.24 5.10 -16.38
N GLY C 89 27.22 5.86 -15.93
CA GLY C 89 27.78 6.93 -16.76
C GLY C 89 28.54 6.37 -17.96
N ALA C 90 29.30 5.31 -17.72
CA ALA C 90 30.13 4.67 -18.73
C ALA C 90 29.30 3.83 -19.69
N ILE C 91 28.19 3.30 -19.18
CA ILE C 91 27.29 2.50 -19.98
C ILE C 91 26.56 3.41 -20.96
N VAL C 92 26.02 4.53 -20.46
CA VAL C 92 25.41 5.56 -21.32
C VAL C 92 26.44 6.17 -22.30
N MET C 93 27.71 6.25 -21.88
CA MET C 93 28.82 6.66 -22.76
C MET C 93 28.98 5.73 -23.96
N HIS C 94 29.13 4.44 -23.67
CA HIS C 94 29.35 3.40 -24.68
C HIS C 94 28.20 3.29 -25.69
N ILE C 95 26.98 3.49 -25.20
CA ILE C 95 25.78 3.51 -26.03
C ILE C 95 25.78 4.75 -26.94
N ALA C 96 26.12 5.91 -26.38
CA ALA C 96 26.07 7.18 -27.12
C ALA C 96 27.30 7.46 -28.01
N GLN C 97 28.35 6.66 -27.84
CA GLN C 97 29.57 6.81 -28.64
C GLN C 97 29.40 6.13 -29.99
N HIS C 98 28.89 4.90 -29.96
CA HIS C 98 28.77 4.07 -31.15
C HIS C 98 27.47 4.28 -31.93
N HIS C 99 26.67 5.27 -31.50
CA HIS C 99 25.43 5.62 -32.20
C HIS C 99 25.29 7.13 -32.37
N SER C 100 24.14 7.58 -32.87
CA SER C 100 23.94 8.98 -33.25
C SER C 100 22.81 9.64 -32.47
N GLY C 101 22.93 10.96 -32.28
CA GLY C 101 21.84 11.76 -31.72
C GLY C 101 21.99 12.17 -30.27
N LEU C 102 22.87 11.48 -29.53
CA LEU C 102 23.07 11.77 -28.11
C LEU C 102 24.33 12.61 -27.86
N LEU C 103 25.49 12.08 -28.25
CA LEU C 103 26.73 12.86 -28.22
C LEU C 103 26.84 13.72 -29.48
N PRO C 104 26.84 15.06 -29.32
CA PRO C 104 26.87 16.03 -30.43
C PRO C 104 28.07 15.87 -31.37
N GLU C 105 27.93 16.42 -32.58
CA GLU C 105 28.92 16.24 -33.64
C GLU C 105 30.15 17.13 -33.44
N ASP C 106 29.89 18.42 -33.22
CA ASP C 106 30.93 19.41 -32.94
C ASP C 106 31.68 18.98 -31.68
N GLN C 107 32.97 18.65 -31.86
CA GLN C 107 33.80 18.08 -30.80
C GLN C 107 34.07 19.02 -29.62
N LEU C 108 33.87 20.31 -29.86
CA LEU C 108 33.99 21.34 -28.83
C LEU C 108 32.72 21.41 -27.98
N ARG C 109 31.63 20.85 -28.50
CA ARG C 109 30.37 20.72 -27.77
C ARG C 109 30.25 19.34 -27.13
N ARG C 110 30.96 18.37 -27.71
CA ARG C 110 31.02 17.00 -27.20
C ARG C 110 31.81 16.93 -25.90
N ALA C 111 32.89 17.69 -25.82
CA ALA C 111 33.72 17.78 -24.62
C ALA C 111 32.92 18.44 -23.49
N ARG C 112 32.11 19.43 -23.85
CA ARG C 112 31.21 20.12 -22.92
C ARG C 112 30.08 19.21 -22.43
N THR C 113 29.67 18.27 -23.29
CA THR C 113 28.62 17.31 -23.00
C THR C 113 29.11 16.25 -22.01
N VAL C 114 30.33 15.75 -22.24
CA VAL C 114 31.02 14.82 -21.34
C VAL C 114 31.24 15.45 -19.94
N ALA C 115 31.47 16.77 -19.90
CA ALA C 115 31.61 17.51 -18.65
C ALA C 115 30.34 17.47 -17.81
N TRP C 116 29.20 17.65 -18.47
CA TRP C 116 27.92 17.62 -17.80
C TRP C 116 27.50 16.20 -17.42
N MET C 117 28.05 15.22 -18.11
CA MET C 117 27.82 13.82 -17.77
C MET C 117 28.52 13.52 -16.44
N PHE C 118 29.78 13.94 -16.34
CA PHE C 118 30.55 13.80 -15.12
C PHE C 118 29.97 14.63 -13.97
N ALA C 119 29.53 15.86 -14.28
CA ALA C 119 28.92 16.79 -13.30
C ALA C 119 27.63 16.27 -12.64
N ALA C 120 26.73 15.74 -13.45
CA ALA C 120 25.51 15.08 -12.97
C ALA C 120 25.77 14.03 -11.89
N LEU C 121 26.80 13.21 -12.10
CA LEU C 121 27.04 12.05 -11.28
C LEU C 121 27.99 12.26 -10.10
N ASN C 122 28.96 13.16 -10.25
CA ASN C 122 29.92 13.38 -9.17
C ASN C 122 29.86 14.74 -8.44
N THR C 123 28.92 15.58 -8.82
CA THR C 123 28.79 16.93 -8.24
C THR C 123 27.35 17.21 -7.77
N ILE C 124 26.37 16.78 -8.57
CA ILE C 124 24.97 16.97 -8.17
C ILE C 124 24.42 15.76 -7.40
N GLU C 125 24.56 14.56 -7.97
CA GLU C 125 24.07 13.33 -7.32
C GLU C 125 24.54 13.09 -5.86
N PRO C 126 25.83 13.32 -5.54
CA PRO C 126 26.19 13.14 -4.12
C PRO C 126 25.50 14.11 -3.14
N SER C 127 25.27 15.35 -3.57
CA SER C 127 24.54 16.33 -2.72
C SER C 127 23.09 15.91 -2.50
N ILE C 128 22.47 15.35 -3.54
CA ILE C 128 21.13 14.78 -3.45
C ILE C 128 21.11 13.57 -2.50
N LEU C 129 21.95 12.58 -2.77
CA LEU C 129 22.00 11.36 -1.97
C LEU C 129 22.24 11.65 -0.49
N ASN C 130 23.19 12.55 -0.21
CA ASN C 130 23.46 12.98 1.17
C ASN C 130 22.25 13.53 1.92
N PHE C 131 21.47 14.38 1.25
CA PHE C 131 20.22 14.92 1.82
C PHE C 131 19.17 13.83 2.03
N THR C 132 18.86 13.12 0.94
CA THR C 132 17.92 12.01 0.93
C THR C 132 18.19 10.95 2.01
N THR C 133 19.47 10.59 2.21
CA THR C 133 19.86 9.63 3.23
C THR C 133 19.48 10.12 4.64
N VAL C 134 19.77 11.39 4.94
CA VAL C 134 19.43 11.95 6.24
C VAL C 134 17.92 12.08 6.39
N TRP C 135 17.29 12.76 5.42
CA TRP C 135 15.84 13.03 5.44
C TRP C 135 15.01 11.77 5.67
N LEU C 136 15.24 10.74 4.85
CA LEU C 136 14.42 9.52 4.90
C LEU C 136 14.91 8.47 5.89
N PHE C 137 16.22 8.30 5.99
CA PHE C 137 16.80 7.11 6.64
C PHE C 137 17.45 7.38 7.98
N GLU C 138 17.38 8.63 8.46
CA GLU C 138 18.10 9.01 9.69
C GLU C 138 17.29 9.87 10.69
N ARG C 139 15.98 9.64 10.77
CA ARG C 139 15.12 10.29 11.79
C ARG C 139 15.40 9.69 13.16
N ASN C 140 15.93 8.47 13.14
CA ASN C 140 16.25 7.67 14.32
C ASN C 140 17.28 8.33 15.24
N GLU C 141 18.24 9.04 14.65
CA GLU C 141 19.36 9.63 15.38
C GLU C 141 18.94 10.82 16.26
N PRO C 142 19.65 11.03 17.40
CA PRO C 142 19.34 12.19 18.24
C PRO C 142 19.84 13.51 17.65
N TRP C 143 20.68 13.42 16.62
CA TRP C 143 21.13 14.59 15.86
C TRP C 143 20.69 14.48 14.40
N HIS C 144 19.38 14.44 14.19
CA HIS C 144 18.80 14.42 12.86
C HIS C 144 18.67 15.83 12.30
N GLU C 145 18.07 16.72 13.09
CA GLU C 145 17.65 18.05 12.62
C GLU C 145 18.78 18.97 12.16
N ALA C 146 19.91 18.91 12.88
CA ALA C 146 21.08 19.73 12.58
C ALA C 146 21.84 19.19 11.38
N ARG C 147 21.87 17.86 11.28
CA ARG C 147 22.53 17.17 10.18
C ARG C 147 21.73 17.29 8.87
N LEU C 148 20.40 17.34 9.00
CA LEU C 148 19.51 17.57 7.87
C LEU C 148 19.70 18.97 7.27
N ALA C 149 19.75 19.98 8.15
CA ALA C 149 19.91 21.37 7.74
C ALA C 149 21.24 21.62 7.03
N ARG C 150 22.28 20.92 7.47
CA ARG C 150 23.60 20.98 6.83
C ARG C 150 23.57 20.45 5.39
N THR C 151 23.02 19.25 5.19
CA THR C 151 22.99 18.64 3.86
C THR C 151 22.02 19.35 2.92
N LYS C 152 20.93 19.89 3.47
CA LYS C 152 19.97 20.66 2.69
C LYS C 152 20.59 21.96 2.16
N GLU C 153 21.39 22.61 3.02
CA GLU C 153 22.12 23.84 2.68
C GLU C 153 23.11 23.59 1.54
N GLN C 154 23.87 22.50 1.66
CA GLN C 154 24.79 22.06 0.62
C GLN C 154 24.05 21.71 -0.67
N LEU C 155 22.90 21.06 -0.54
CA LEU C 155 22.06 20.70 -1.70
C LEU C 155 21.52 21.94 -2.39
N LEU C 156 20.92 22.84 -1.62
CA LEU C 156 20.36 24.10 -2.12
C LEU C 156 21.42 24.94 -2.84
N LYS C 157 22.62 25.00 -2.28
CA LYS C 157 23.78 25.65 -2.92
C LYS C 157 24.03 25.13 -4.35
N ARG C 158 24.07 23.80 -4.49
CA ARG C 158 24.28 23.16 -5.80
C ARG C 158 23.14 23.39 -6.78
N LEU C 159 21.91 23.37 -6.27
CA LEU C 159 20.72 23.58 -7.08
C LEU C 159 20.53 25.04 -7.51
N ASP C 160 20.96 25.97 -6.66
CA ASP C 160 21.03 27.38 -7.05
C ASP C 160 22.04 27.55 -8.17
N GLU C 161 23.20 26.92 -8.01
CA GLU C 161 24.28 26.93 -8.99
C GLU C 161 23.86 26.28 -10.31
N LEU C 162 23.03 25.24 -10.21
CA LEU C 162 22.50 24.56 -11.38
C LEU C 162 21.42 25.38 -12.10
N SER C 163 20.55 26.03 -11.33
CA SER C 163 19.50 26.87 -11.91
C SER C 163 20.05 28.11 -12.60
N ALA C 164 21.10 28.69 -12.01
CA ALA C 164 21.76 29.87 -12.57
C ALA C 164 22.41 29.63 -13.93
N TRP C 165 22.97 28.44 -14.13
CA TRP C 165 23.54 28.07 -15.43
C TRP C 165 22.44 27.83 -16.46
N LEU C 166 21.39 27.13 -16.05
CA LEU C 166 20.31 26.75 -16.97
C LEU C 166 19.50 27.96 -17.43
N GLY C 167 19.08 28.79 -16.47
CA GLY C 167 18.31 30.00 -16.75
C GLY C 167 17.03 29.74 -17.51
N ASP C 168 17.07 29.97 -18.81
CA ASP C 168 15.93 29.72 -19.69
C ASP C 168 16.31 28.93 -20.93
N ARG C 169 17.43 28.21 -20.85
CA ARG C 169 17.85 27.25 -21.88
C ARG C 169 16.93 26.03 -21.85
N GLU C 170 16.83 25.35 -22.98
CA GLU C 170 15.97 24.17 -23.10
C GLU C 170 16.65 22.95 -22.45
N TRP C 171 17.85 22.62 -22.95
CA TRP C 171 18.67 21.57 -22.37
C TRP C 171 19.95 22.17 -21.77
N LEU C 172 20.81 21.32 -21.19
CA LEU C 172 22.04 21.77 -20.54
C LEU C 172 23.00 22.45 -21.53
N GLU C 173 23.30 21.75 -22.62
CA GLU C 173 24.25 22.24 -23.62
C GLU C 173 23.58 22.34 -25.00
N GLY C 174 22.57 23.21 -25.09
CA GLY C 174 21.88 23.50 -26.35
C GLY C 174 20.90 22.43 -26.80
N SER C 175 21.39 21.48 -27.59
CA SER C 175 20.60 20.35 -28.07
C SER C 175 20.45 19.28 -26.97
N PHE C 176 19.54 18.32 -27.19
CA PHE C 176 19.36 17.20 -26.26
C PHE C 176 20.55 16.26 -26.33
N SER C 177 20.96 15.76 -25.16
CA SER C 177 22.16 14.92 -25.07
C SER C 177 22.08 13.83 -24.01
N ALA C 178 23.11 13.00 -23.97
CA ALA C 178 23.29 11.98 -22.94
C ALA C 178 23.47 12.59 -21.55
N ALA C 179 23.95 13.84 -21.52
CA ALA C 179 24.12 14.61 -20.29
C ALA C 179 22.79 14.90 -19.63
N ASP C 180 21.80 15.26 -20.45
CA ASP C 180 20.45 15.54 -19.98
C ASP C 180 19.75 14.29 -19.47
N ILE C 181 20.04 13.14 -20.07
CA ILE C 181 19.53 11.85 -19.58
C ILE C 181 20.03 11.60 -18.15
N LEU C 182 21.34 11.72 -17.96
CA LEU C 182 21.94 11.52 -16.65
C LEU C 182 21.48 12.55 -15.63
N MET C 183 21.46 13.84 -16.02
CA MET C 183 21.06 14.90 -15.10
C MET C 183 19.61 14.81 -14.66
N ILE C 184 18.70 14.58 -15.60
CA ILE C 184 17.27 14.43 -15.30
C ILE C 184 17.00 13.25 -14.36
N CYS C 185 17.61 12.11 -14.65
CA CYS C 185 17.47 10.92 -13.80
C CYS C 185 17.99 11.14 -12.38
N VAL C 186 19.10 11.88 -12.29
CA VAL C 186 19.65 12.33 -11.01
C VAL C 186 18.66 13.24 -10.27
N LEU C 187 18.09 14.21 -10.98
CA LEU C 187 17.20 15.20 -10.40
C LEU C 187 15.85 14.63 -9.95
N ARG C 188 15.38 13.58 -10.63
CA ARG C 188 14.08 12.96 -10.30
C ARG C 188 14.08 12.30 -8.92
N ARG C 189 15.25 12.02 -8.38
CA ARG C 189 15.38 11.47 -7.01
C ARG C 189 15.04 12.50 -5.93
N LEU C 190 14.68 13.70 -6.37
CA LEU C 190 14.34 14.81 -5.50
C LEU C 190 12.83 15.07 -5.51
N GLU C 191 12.14 14.50 -6.49
CA GLU C 191 10.68 14.64 -6.64
C GLU C 191 9.91 14.32 -5.37
N SER C 192 10.34 13.26 -4.69
CA SER C 192 9.78 12.82 -3.43
C SER C 192 9.85 13.91 -2.35
N SER C 193 10.95 14.65 -2.32
CA SER C 193 11.15 15.71 -1.34
C SER C 193 10.40 16.99 -1.70
N GLY C 194 10.12 17.17 -2.99
CA GLY C 194 9.45 18.38 -3.49
C GLY C 194 10.29 19.65 -3.40
N ILE C 195 11.61 19.50 -3.44
CA ILE C 195 12.53 20.64 -3.45
C ILE C 195 12.51 21.33 -4.81
N LEU C 196 12.32 20.54 -5.86
CA LEU C 196 12.34 21.01 -7.25
C LEU C 196 11.27 22.04 -7.59
N LYS C 197 10.24 22.14 -6.75
CA LYS C 197 9.19 23.16 -6.88
C LYS C 197 9.71 24.58 -6.62
N ASP C 198 10.73 24.70 -5.76
CA ASP C 198 11.40 25.97 -5.48
C ASP C 198 12.38 26.36 -6.58
N TYR C 199 12.44 25.55 -7.64
CA TYR C 199 13.34 25.75 -8.76
C TYR C 199 12.57 25.57 -10.07
N GLY C 200 11.85 26.63 -10.46
CA GLY C 200 10.90 26.59 -11.57
C GLY C 200 11.40 26.07 -12.90
N ASN C 201 12.56 26.58 -13.33
CA ASN C 201 13.17 26.14 -14.59
C ASN C 201 13.65 24.69 -14.54
N LEU C 202 14.11 24.25 -13.36
CA LEU C 202 14.58 22.88 -13.13
C LEU C 202 13.44 21.88 -13.10
N LEU C 203 12.30 22.28 -12.55
CA LEU C 203 11.09 21.47 -12.55
C LEU C 203 10.60 21.28 -13.99
N ALA C 204 10.57 22.39 -14.74
CA ALA C 204 10.19 22.40 -16.16
C ALA C 204 11.15 21.58 -17.02
N TYR C 205 12.43 21.62 -16.66
CA TYR C 205 13.50 20.87 -17.35
C TYR C 205 13.35 19.36 -17.17
N VAL C 206 12.96 18.95 -15.97
CA VAL C 206 12.71 17.53 -15.68
C VAL C 206 11.46 17.04 -16.43
N GLU C 207 10.39 17.83 -16.37
CA GLU C 207 9.14 17.51 -17.09
C GLU C 207 9.32 17.44 -18.60
N ARG C 208 10.19 18.30 -19.14
CA ARG C 208 10.50 18.35 -20.57
C ARG C 208 11.17 17.07 -21.07
N GLY C 209 12.05 16.50 -20.25
CA GLY C 209 12.70 15.23 -20.58
C GLY C 209 11.81 14.03 -20.36
N LYS C 210 10.89 14.14 -19.40
CA LYS C 210 9.93 13.08 -19.10
C LYS C 210 8.89 12.86 -20.21
N ALA C 211 8.59 13.93 -20.94
CA ALA C 211 7.59 13.91 -22.01
C ALA C 211 8.06 13.19 -23.28
N ARG C 212 9.39 13.02 -23.41
CA ARG C 212 9.99 12.43 -24.59
C ARG C 212 9.54 10.99 -24.83
N PRO C 213 9.23 10.64 -26.11
CA PRO C 213 8.79 9.30 -26.53
C PRO C 213 9.64 8.18 -25.93
N ALA C 214 10.96 8.33 -26.01
CA ALA C 214 11.90 7.34 -25.50
C ALA C 214 11.90 7.21 -23.98
N PHE C 215 11.60 8.30 -23.27
CA PHE C 215 11.49 8.26 -21.81
C PHE C 215 10.34 7.36 -21.39
N LYS C 216 9.16 7.65 -21.94
CA LYS C 216 7.93 6.91 -21.65
C LYS C 216 8.06 5.42 -22.00
N ARG C 217 8.75 5.13 -23.10
CA ARG C 217 9.05 3.76 -23.52
CA ARG C 217 9.04 3.76 -23.50
C ARG C 217 9.98 3.06 -22.52
N ALA C 218 10.96 3.81 -22.01
CA ALA C 218 11.90 3.27 -21.02
C ALA C 218 11.26 3.12 -19.65
N PHE C 219 10.38 4.05 -19.30
CA PHE C 219 9.66 4.04 -18.02
C PHE C 219 8.77 2.81 -17.87
N ASP C 220 8.03 2.47 -18.92
CA ASP C 220 7.11 1.33 -18.91
C ASP C 220 7.84 -0.01 -18.89
N ALA C 221 8.99 -0.07 -19.56
CA ALA C 221 9.82 -1.27 -19.62
C ALA C 221 10.52 -1.53 -18.27
N GLN C 222 10.79 -0.45 -17.55
CA GLN C 222 11.32 -0.49 -16.19
C GLN C 222 10.25 -0.97 -15.22
N LEU C 223 9.02 -0.50 -15.46
CA LEU C 223 7.84 -0.75 -14.61
C LEU C 223 7.44 -2.23 -14.56
N ALA C 224 7.62 -2.94 -15.68
CA ALA C 224 7.15 -4.31 -15.83
C ALA C 224 7.93 -5.37 -15.03
N VAL C 225 9.13 -5.02 -14.58
CA VAL C 225 9.97 -5.91 -13.78
C VAL C 225 9.47 -5.97 -12.33
#